data_4M28
#
_entry.id   4M28
#
_cell.length_a   72.250
_cell.length_b   108.470
_cell.length_c   152.590
_cell.angle_alpha   90.00
_cell.angle_beta   90.00
_cell.angle_gamma   90.00
#
_symmetry.space_group_name_H-M   'C 2 2 21'
#
loop_
_entity.id
_entity.type
_entity.pdbx_description
1 polymer 'UDP-glucose pyrophosphorylase'
2 non-polymer "2'-deoxy-5'-O-[(R)-hydroxy{[(R)-hydroxy(phosphonooxy)phosphoryl]methyl}phosphoryl]uridine"
3 water water
#
_entity_poly.entity_id   1
_entity_poly.type   'polypeptide(L)'
_entity_poly.pdbx_seq_one_letter_code
;MENDMKSLSAAAQACVKKMRDAKVNEACIRTFIAQHVMVSKGETGSIPDSAIMPVDSLDALDSLTIECDNAVLQSTVVLK
LNGGLGTGMGLCDAKTLLEVKDGKTFLDFTALQVQYLRQHCSEHLRFMLMDSFNTSASTKSFLKARYPWLYQVFDSEVEL
MQNQVPKILQDTLEPAAWAENPAYEWAPPGHGDIYTALYGSGKLQELVEQGYRYMFVSNGDNLGATIDKRVLAYMEKEKI
DFLMEVCRRTESDKKGGHLARQTVYVKGKDGQPDAEKRVLLLRESAQCPKADMESFQDINKYSFFNTNNLWIRLPVLLET
MQEHGGTLPLPVIRNEKTVDSSNSASPKVYQLETAMGAAIAMFESASAIVVPRSRFAPVKTCADLLALRSDAYVVTDDFR
LVLDDRCHGHPPVVDLDSAHYKMMNGFEKLVQHGVPSLVECKRVTVKGLVQFGAGNVLTGTVTIENTDSASAFVIPDGAK
LNDTTASPQQSTNKMRPLEHHHHHH
;
_entity_poly.pdbx_strand_id   A
#
loop_
_chem_comp.id
_chem_comp.type
_chem_comp.name
_chem_comp.formula
UPC non-polymer 2'-deoxy-5'-O-[(R)-hydroxy{[(R)-hydroxy(phosphonooxy)phosphoryl]methyl}phosphoryl]uridine 'C10 H17 N2 O13 P3'
#
# COMPACT_ATOMS: atom_id res chain seq x y z
N LYS A 6 -23.41 -12.30 22.58
CA LYS A 6 -24.64 -12.39 23.42
C LYS A 6 -25.36 -11.05 23.45
N SER A 7 -26.70 -11.11 23.46
CA SER A 7 -27.56 -9.92 23.41
C SER A 7 -27.27 -9.02 22.21
N LEU A 8 -26.82 -9.62 21.11
CA LEU A 8 -26.51 -8.91 19.86
C LEU A 8 -27.77 -8.87 19.03
N SER A 9 -27.92 -7.87 18.18
CA SER A 9 -29.10 -7.78 17.33
C SER A 9 -29.08 -8.95 16.36
N ALA A 10 -30.27 -9.45 16.02
CA ALA A 10 -30.39 -10.62 15.14
C ALA A 10 -29.51 -10.49 13.90
N ALA A 11 -29.44 -9.28 13.34
CA ALA A 11 -28.60 -8.98 12.19
C ALA A 11 -27.17 -9.45 12.49
N ALA A 12 -26.55 -8.84 13.50
CA ALA A 12 -25.21 -9.25 13.90
C ALA A 12 -25.13 -10.77 14.15
N GLN A 13 -26.14 -11.30 14.80
CA GLN A 13 -26.16 -12.70 15.16
C GLN A 13 -26.10 -13.54 13.91
N ALA A 14 -26.76 -13.08 12.85
CA ALA A 14 -26.73 -13.79 11.58
C ALA A 14 -25.32 -13.82 10.98
N CYS A 15 -24.58 -12.72 11.13
CA CYS A 15 -23.21 -12.61 10.62
C CYS A 15 -22.28 -13.56 11.34
N VAL A 16 -22.45 -13.64 12.65
CA VAL A 16 -21.64 -14.54 13.44
C VAL A 16 -21.88 -15.98 12.97
N LYS A 17 -23.16 -16.33 12.89
CA LYS A 17 -23.58 -17.63 12.41
C LYS A 17 -22.95 -17.87 11.03
N LYS A 18 -23.02 -16.85 10.17
CA LYS A 18 -22.55 -16.98 8.80
C LYS A 18 -21.07 -17.27 8.76
N MET A 19 -20.32 -16.49 9.52
CA MET A 19 -18.87 -16.61 9.50
C MET A 19 -18.42 -17.91 10.19
N ARG A 20 -19.20 -18.33 11.18
CA ARG A 20 -18.97 -19.61 11.86
C ARG A 20 -18.96 -20.78 10.87
N ASP A 21 -20.06 -20.94 10.14
CA ASP A 21 -20.15 -22.01 9.17
C ASP A 21 -18.98 -21.98 8.19
N ALA A 22 -18.53 -20.77 7.85
CA ALA A 22 -17.43 -20.62 6.89
C ALA A 22 -16.08 -21.01 7.49
N LYS A 23 -16.05 -21.30 8.79
CA LYS A 23 -14.81 -21.59 9.51
C LYS A 23 -13.86 -20.38 9.54
N VAL A 24 -14.48 -19.21 9.67
CA VAL A 24 -13.75 -17.95 9.76
C VAL A 24 -13.05 -17.84 11.08
N ASN A 25 -11.81 -17.41 11.04
CA ASN A 25 -11.03 -17.17 12.23
C ASN A 25 -11.79 -16.29 13.26
N GLU A 26 -11.67 -16.66 14.54
CA GLU A 26 -12.44 -16.01 15.62
C GLU A 26 -12.06 -14.55 15.87
N ALA A 27 -10.78 -14.25 15.67
CA ALA A 27 -10.27 -12.88 15.83
C ALA A 27 -10.92 -11.91 14.84
N CYS A 28 -11.25 -12.43 13.64
CA CYS A 28 -11.92 -11.64 12.64
C CYS A 28 -13.38 -11.37 13.02
N ILE A 29 -14.06 -12.37 13.58
CA ILE A 29 -15.48 -12.23 13.93
C ILE A 29 -15.65 -11.23 15.08
N ARG A 30 -14.76 -11.34 16.07
CA ARG A 30 -14.80 -10.42 17.20
C ARG A 30 -14.60 -8.99 16.72
N THR A 31 -13.59 -8.79 15.85
CA THR A 31 -13.28 -7.48 15.29
C THR A 31 -14.43 -6.93 14.45
N PHE A 32 -14.89 -7.74 13.50
CA PHE A 32 -15.96 -7.31 12.60
C PHE A 32 -17.28 -6.96 13.31
N ILE A 33 -17.66 -7.76 14.30
CA ILE A 33 -18.87 -7.49 15.06
C ILE A 33 -18.74 -6.16 15.81
N ALA A 34 -17.58 -5.93 16.40
CA ALA A 34 -17.32 -4.65 17.03
C ALA A 34 -17.55 -3.52 16.04
N GLN A 35 -17.09 -3.71 14.81
CA GLN A 35 -17.29 -2.73 13.75
C GLN A 35 -18.74 -2.65 13.30
N HIS A 36 -19.39 -3.81 13.23
CA HIS A 36 -20.81 -3.89 12.88
C HIS A 36 -21.68 -3.15 13.89
N VAL A 37 -21.33 -3.27 15.16
CA VAL A 37 -22.05 -2.54 16.18
C VAL A 37 -21.89 -1.04 16.00
N MET A 38 -20.66 -0.58 15.77
CA MET A 38 -20.39 0.86 15.59
C MET A 38 -21.33 1.43 14.55
N VAL A 39 -21.44 0.72 13.42
CA VAL A 39 -22.25 1.19 12.30
C VAL A 39 -23.73 1.18 12.69
N SER A 40 -24.16 0.05 13.26
CA SER A 40 -25.56 -0.09 13.68
C SER A 40 -25.99 1.05 14.60
N LYS A 41 -25.09 1.48 15.49
CA LYS A 41 -25.35 2.64 16.36
C LYS A 41 -25.32 3.96 15.60
N GLY A 42 -25.02 3.93 14.30
CA GLY A 42 -25.10 5.13 13.47
C GLY A 42 -23.91 6.04 13.66
N GLU A 43 -22.72 5.44 13.79
CA GLU A 43 -21.47 6.19 13.84
C GLU A 43 -21.15 6.79 12.47
N THR A 44 -21.06 8.13 12.42
CA THR A 44 -20.81 8.85 11.17
C THR A 44 -19.39 8.59 10.69
N GLY A 45 -18.45 8.49 11.62
CA GLY A 45 -17.04 8.33 11.29
C GLY A 45 -16.41 9.60 10.73
N SER A 46 -17.08 10.73 10.90
CA SER A 46 -16.59 12.01 10.41
C SER A 46 -15.39 12.53 11.23
N ILE A 47 -14.45 13.20 10.58
CA ILE A 47 -13.28 13.76 11.27
C ILE A 47 -13.12 15.23 10.89
N PRO A 48 -13.93 16.09 11.49
CA PRO A 48 -13.93 17.51 11.14
C PRO A 48 -12.66 18.24 11.50
N ASP A 49 -12.49 19.44 10.97
CA ASP A 49 -11.31 20.24 11.31
C ASP A 49 -11.32 20.71 12.76
N SER A 50 -12.52 20.90 13.30
CA SER A 50 -12.66 21.30 14.70
C SER A 50 -12.17 20.23 15.70
N ALA A 51 -11.98 19.00 15.24
CA ALA A 51 -11.47 17.90 16.07
C ALA A 51 -9.99 17.67 15.92
N ILE A 52 -9.34 18.38 15.01
CA ILE A 52 -7.94 18.13 14.72
C ILE A 52 -7.17 19.41 14.52
N MET A 53 -5.84 19.29 14.60
CA MET A 53 -4.90 20.38 14.32
C MET A 53 -3.89 19.87 13.31
N PRO A 54 -3.28 20.74 12.53
CA PRO A 54 -2.34 20.31 11.52
C PRO A 54 -1.00 19.99 12.11
N VAL A 55 -0.23 19.18 11.43
CA VAL A 55 1.14 18.89 11.83
C VAL A 55 2.07 19.67 10.95
N ASP A 56 3.02 20.37 11.56
CA ASP A 56 3.83 21.29 10.81
C ASP A 56 5.31 21.02 10.78
N SER A 57 5.85 20.28 11.73
CA SER A 57 7.27 20.04 11.68
C SER A 57 7.62 18.60 11.96
N LEU A 58 8.50 18.02 11.16
CA LEU A 58 8.94 16.66 11.42
C LEU A 58 10.40 16.42 11.07
N ASP A 59 11.00 15.42 11.67
CA ASP A 59 12.35 15.03 11.34
C ASP A 59 12.36 14.49 9.93
N ALA A 60 13.40 14.78 9.16
CA ALA A 60 13.57 14.25 7.80
C ALA A 60 14.55 13.09 7.76
N LEU A 61 14.29 12.12 6.88
CA LEU A 61 15.14 10.94 6.76
C LEU A 61 16.50 11.29 6.19
N ASP A 62 16.54 12.29 5.33
CA ASP A 62 17.83 12.72 4.77
C ASP A 62 18.79 13.21 5.86
N SER A 63 18.24 13.74 6.95
CA SER A 63 19.06 14.30 8.02
C SER A 63 19.74 13.25 8.89
N LEU A 64 19.14 12.06 8.99
CA LEU A 64 19.73 10.98 9.81
C LEU A 64 20.91 10.39 9.08
N THR A 65 22.05 10.24 9.78
CA THR A 65 23.26 9.61 9.18
C THR A 65 23.54 8.22 9.75
N ILE A 66 22.94 7.92 10.88
CA ILE A 66 23.43 6.84 11.69
C ILE A 66 22.72 5.54 11.44
N GLU A 67 23.51 4.49 11.20
CA GLU A 67 22.97 3.18 10.89
C GLU A 67 22.96 2.30 12.12
N CYS A 68 21.95 1.42 12.21
CA CYS A 68 21.86 0.45 13.30
C CYS A 68 22.82 -0.72 13.08
N ASP A 69 23.27 -1.37 14.16
CA ASP A 69 24.09 -2.58 14.03
C ASP A 69 23.25 -3.77 13.59
N ASN A 70 23.93 -4.81 13.10
CA ASN A 70 23.24 -5.91 12.42
C ASN A 70 22.41 -6.76 13.38
N ALA A 71 22.72 -6.67 14.67
CA ALA A 71 21.96 -7.43 15.67
C ALA A 71 20.50 -7.04 15.65
N VAL A 72 20.25 -5.79 15.30
CA VAL A 72 18.88 -5.27 15.20
C VAL A 72 18.16 -5.97 14.07
N LEU A 73 18.82 -6.07 12.94
CA LEU A 73 18.22 -6.62 11.75
C LEU A 73 17.89 -8.09 11.92
N GLN A 74 18.56 -8.79 12.83
CA GLN A 74 18.21 -10.18 13.11
C GLN A 74 16.86 -10.33 13.85
N SER A 75 16.37 -9.26 14.47
CA SER A 75 15.03 -9.28 15.04
C SER A 75 13.99 -8.47 14.23
N THR A 76 14.33 -8.19 12.98
CA THR A 76 13.45 -7.49 12.05
C THR A 76 12.65 -8.44 11.15
N VAL A 77 11.41 -8.06 10.86
CA VAL A 77 10.57 -8.78 9.93
C VAL A 77 10.20 -7.85 8.75
N VAL A 78 10.35 -8.34 7.54
CA VAL A 78 9.89 -7.60 6.37
C VAL A 78 8.61 -8.23 5.87
N LEU A 79 7.54 -7.44 5.83
CA LEU A 79 6.26 -7.93 5.33
C LEU A 79 5.74 -7.04 4.21
N LYS A 80 5.48 -7.64 3.04
CA LYS A 80 4.93 -6.92 1.90
C LYS A 80 3.46 -7.29 1.69
N LEU A 81 2.70 -6.34 1.15
CA LEU A 81 1.31 -6.56 0.88
C LEU A 81 1.18 -7.07 -0.56
N ASN A 82 0.62 -8.28 -0.72
CA ASN A 82 0.48 -8.98 -2.05
C ASN A 82 -0.99 -9.33 -2.38
N GLY A 83 -1.93 -8.65 -1.71
CA GLY A 83 -3.36 -8.88 -1.95
C GLY A 83 -3.92 -8.36 -3.28
N GLY A 84 -3.33 -7.29 -3.82
CA GLY A 84 -3.85 -6.59 -4.99
C GLY A 84 -3.76 -7.36 -6.28
N LEU A 85 -4.80 -7.24 -7.11
CA LEU A 85 -4.82 -7.89 -8.42
C LEU A 85 -4.29 -6.99 -9.52
N GLY A 86 -4.14 -5.70 -9.23
CA GLY A 86 -3.74 -4.71 -10.23
C GLY A 86 -4.67 -4.69 -11.43
N THR A 87 -5.97 -4.60 -11.18
CA THR A 87 -6.93 -4.59 -12.27
C THR A 87 -6.88 -3.27 -13.03
N GLY A 88 -6.37 -2.22 -12.39
CA GLY A 88 -6.18 -0.89 -13.00
C GLY A 88 -5.47 -0.92 -14.35
N MET A 89 -4.59 -1.91 -14.53
CA MET A 89 -3.93 -2.18 -15.80
C MET A 89 -4.59 -3.34 -16.51
N GLY A 90 -5.77 -3.72 -16.04
CA GLY A 90 -6.56 -4.79 -16.64
C GLY A 90 -5.85 -6.14 -16.53
N LEU A 91 -5.36 -6.45 -15.33
CA LEU A 91 -4.69 -7.72 -15.07
C LEU A 91 -5.40 -8.53 -14.01
N CYS A 92 -5.73 -9.78 -14.33
CA CYS A 92 -6.55 -10.62 -13.48
C CYS A 92 -5.73 -11.55 -12.60
N ASP A 93 -4.42 -11.36 -12.57
CA ASP A 93 -3.59 -12.09 -11.63
C ASP A 93 -2.79 -11.10 -10.77
N ALA A 94 -1.88 -11.62 -9.97
CA ALA A 94 -1.15 -10.82 -8.99
C ALA A 94 -0.35 -9.71 -9.66
N LYS A 95 -0.45 -8.50 -9.13
CA LYS A 95 0.27 -7.35 -9.62
C LYS A 95 1.76 -7.45 -9.48
N THR A 96 2.19 -7.96 -8.36
CA THR A 96 3.61 -8.07 -8.08
C THR A 96 4.31 -8.96 -9.09
N LEU A 97 3.55 -9.67 -9.91
CA LEU A 97 4.15 -10.60 -10.88
C LEU A 97 4.37 -10.01 -12.28
N LEU A 98 4.21 -8.70 -12.42
CA LEU A 98 4.56 -8.02 -13.68
C LEU A 98 6.02 -7.69 -13.77
N GLU A 99 6.62 -7.90 -14.95
CA GLU A 99 8.03 -7.59 -15.14
C GLU A 99 8.23 -6.11 -14.96
N VAL A 100 9.26 -5.77 -14.20
CA VAL A 100 9.61 -4.40 -14.00
C VAL A 100 10.80 -4.08 -14.87
N LYS A 101 11.94 -4.66 -14.58
CA LYS A 101 13.10 -4.45 -15.42
C LYS A 101 13.80 -5.78 -15.68
N ASP A 102 14.15 -6.04 -16.93
CA ASP A 102 15.01 -7.17 -17.28
C ASP A 102 14.56 -8.49 -16.68
N GLY A 103 13.38 -8.93 -17.11
CA GLY A 103 12.83 -10.24 -16.69
C GLY A 103 12.66 -10.37 -15.19
N LYS A 104 12.59 -9.24 -14.49
CA LYS A 104 12.45 -9.24 -13.06
C LYS A 104 11.14 -8.57 -12.65
N THR A 105 10.42 -9.23 -11.75
CA THR A 105 9.19 -8.69 -11.19
C THR A 105 9.36 -7.95 -9.85
N PHE A 106 8.29 -7.38 -9.34
CA PHE A 106 8.33 -6.78 -8.04
C PHE A 106 8.80 -7.82 -6.98
N LEU A 107 8.24 -9.03 -7.08
CA LEU A 107 8.53 -10.11 -6.15
C LEU A 107 9.97 -10.54 -6.27
N ASP A 108 10.54 -10.38 -7.47
CA ASP A 108 11.94 -10.65 -7.68
C ASP A 108 12.83 -9.70 -6.90
N PHE A 109 12.58 -8.40 -7.03
CA PHE A 109 13.46 -7.39 -6.41
C PHE A 109 13.42 -7.47 -4.89
N THR A 110 12.25 -7.81 -4.37
CA THR A 110 12.10 -8.02 -2.96
C THR A 110 12.89 -9.21 -2.46
N ALA A 111 12.73 -10.34 -3.15
CA ALA A 111 13.42 -11.56 -2.77
C ALA A 111 14.92 -11.40 -2.89
N LEU A 112 15.35 -10.62 -3.87
CA LEU A 112 16.77 -10.40 -4.07
C LEU A 112 17.33 -9.45 -3.05
N GLN A 113 16.51 -8.50 -2.59
CA GLN A 113 16.91 -7.57 -1.53
C GLN A 113 17.02 -8.28 -0.19
N VAL A 114 16.05 -9.16 0.10
CA VAL A 114 16.11 -9.97 1.30
C VAL A 114 17.36 -10.83 1.29
N GLN A 115 17.64 -11.45 0.14
CA GLN A 115 18.85 -12.27 -0.05
C GLN A 115 20.12 -11.52 0.35
N TYR A 116 20.17 -10.24 -0.03
CA TYR A 116 21.33 -9.41 0.23
C TYR A 116 21.55 -9.24 1.73
N LEU A 117 20.47 -8.90 2.43
CA LEU A 117 20.53 -8.64 3.87
C LEU A 117 20.88 -9.89 4.65
N ARG A 118 20.43 -11.04 4.18
CA ARG A 118 20.70 -12.29 4.89
C ARG A 118 22.16 -12.67 4.83
N GLN A 119 22.78 -12.44 3.66
CA GLN A 119 24.17 -12.78 3.46
C GLN A 119 25.09 -11.73 4.09
N HIS A 120 24.86 -10.46 3.77
CA HIS A 120 25.82 -9.39 4.07
C HIS A 120 25.56 -8.67 5.39
N CYS A 121 24.41 -8.89 6.02
CA CYS A 121 24.09 -8.23 7.31
C CYS A 121 23.55 -9.20 8.38
N SER A 122 22.34 -9.69 8.20
CA SER A 122 21.70 -10.48 9.23
C SER A 122 21.03 -11.65 8.57
N GLU A 123 21.49 -12.83 8.90
CA GLU A 123 20.96 -14.06 8.34
C GLU A 123 19.59 -14.40 8.93
N HIS A 124 19.28 -13.87 10.11
CA HIS A 124 18.03 -14.19 10.77
C HIS A 124 16.88 -13.31 10.34
N LEU A 125 17.09 -12.50 9.32
CA LEU A 125 16.01 -11.64 8.83
C LEU A 125 14.82 -12.47 8.35
N ARG A 126 13.62 -12.01 8.65
CA ARG A 126 12.43 -12.77 8.29
C ARG A 126 11.62 -12.10 7.19
N PHE A 127 11.18 -12.88 6.21
CA PHE A 127 10.37 -12.35 5.12
C PHE A 127 8.99 -12.96 5.13
N MET A 128 7.96 -12.13 5.05
CA MET A 128 6.62 -12.61 5.04
C MET A 128 5.84 -11.93 3.92
N LEU A 129 4.74 -12.57 3.54
CA LEU A 129 3.83 -12.01 2.55
C LEU A 129 2.37 -12.06 3.01
N MET A 130 1.61 -11.02 2.65
CA MET A 130 0.18 -10.97 2.93
C MET A 130 -0.55 -11.27 1.62
N ASP A 131 -1.18 -12.45 1.54
CA ASP A 131 -1.83 -12.90 0.31
C ASP A 131 -3.31 -12.94 0.51
N SER A 132 -4.01 -12.61 -0.57
CA SER A 132 -5.45 -12.82 -0.70
C SER A 132 -5.64 -14.20 -1.31
N PHE A 133 -6.88 -14.65 -1.45
CA PHE A 133 -7.13 -15.96 -2.04
C PHE A 133 -6.73 -15.94 -3.51
N ASN A 134 -6.91 -14.78 -4.14
CA ASN A 134 -6.54 -14.61 -5.54
C ASN A 134 -5.04 -14.74 -5.79
N THR A 135 -4.21 -14.18 -4.90
CA THR A 135 -2.76 -14.14 -5.13
C THR A 135 -1.96 -15.33 -4.56
N SER A 136 -2.60 -16.18 -3.76
CA SER A 136 -1.87 -17.21 -3.01
C SER A 136 -1.22 -18.24 -3.93
N ALA A 137 -1.99 -18.76 -4.86
CA ALA A 137 -1.52 -19.83 -5.73
C ALA A 137 -0.41 -19.35 -6.61
N SER A 138 -0.60 -18.19 -7.24
CA SER A 138 0.39 -17.66 -8.19
C SER A 138 1.67 -17.35 -7.47
N THR A 139 1.55 -16.77 -6.29
CA THR A 139 2.72 -16.39 -5.51
C THR A 139 3.52 -17.65 -5.17
N LYS A 140 2.83 -18.70 -4.72
CA LYS A 140 3.50 -19.96 -4.37
C LYS A 140 4.15 -20.62 -5.56
N SER A 141 3.46 -20.58 -6.68
CA SER A 141 3.96 -21.18 -7.89
C SER A 141 5.17 -20.48 -8.44
N PHE A 142 5.21 -19.16 -8.28
CA PHE A 142 6.37 -18.36 -8.68
C PHE A 142 7.60 -18.70 -7.85
N LEU A 143 7.41 -18.77 -6.54
CA LEU A 143 8.52 -19.03 -5.63
C LEU A 143 9.07 -20.44 -5.79
N LYS A 144 8.18 -21.40 -6.08
CA LYS A 144 8.59 -22.79 -6.24
C LYS A 144 9.62 -22.92 -7.35
N ALA A 145 9.46 -22.13 -8.41
CA ALA A 145 10.40 -22.15 -9.54
C ALA A 145 11.60 -21.21 -9.36
N ARG A 146 11.34 -20.02 -8.85
CA ARG A 146 12.34 -18.95 -8.79
C ARG A 146 13.16 -18.88 -7.51
N TYR A 147 12.55 -19.20 -6.36
CA TYR A 147 13.20 -19.06 -5.04
C TYR A 147 12.80 -20.17 -4.08
N PRO A 148 13.48 -21.31 -4.19
CA PRO A 148 13.11 -22.52 -3.48
C PRO A 148 13.05 -22.36 -1.97
N TRP A 149 14.07 -21.74 -1.41
CA TRP A 149 14.19 -21.64 0.04
C TRP A 149 12.97 -20.94 0.66
N LEU A 150 12.46 -19.93 -0.04
CA LEU A 150 11.28 -19.21 0.44
C LEU A 150 10.06 -20.08 0.28
N TYR A 151 10.02 -20.83 -0.80
CA TYR A 151 8.87 -21.69 -1.08
C TYR A 151 8.75 -22.73 0.03
N GLN A 152 9.88 -23.36 0.32
CA GLN A 152 9.95 -24.46 1.27
C GLN A 152 9.13 -24.16 2.53
N VAL A 153 9.27 -22.96 3.05
CA VAL A 153 8.57 -22.57 4.27
C VAL A 153 7.30 -21.79 3.98
N PHE A 154 7.03 -21.51 2.70
CA PHE A 154 5.94 -20.61 2.30
C PHE A 154 4.65 -20.84 3.09
N ASP A 155 4.20 -22.09 3.13
CA ASP A 155 3.02 -22.48 3.89
C ASP A 155 3.25 -22.25 5.35
N SER A 156 4.40 -22.71 5.88
CA SER A 156 4.71 -22.71 7.33
C SER A 156 4.90 -21.40 8.17
N GLU A 157 5.68 -20.43 7.67
CA GLU A 157 5.76 -19.09 8.28
C GLU A 157 5.81 -17.89 7.33
N VAL A 158 5.92 -18.09 6.03
CA VAL A 158 5.96 -16.94 5.12
C VAL A 158 4.58 -16.31 4.81
N GLU A 159 3.60 -17.15 4.45
CA GLU A 159 2.33 -16.63 3.94
C GLU A 159 1.37 -16.29 5.07
N LEU A 160 0.85 -15.06 5.07
CA LEU A 160 -0.20 -14.64 5.99
C LEU A 160 -1.44 -14.34 5.18
N MET A 161 -2.48 -15.16 5.35
CA MET A 161 -3.67 -15.05 4.52
C MET A 161 -4.56 -13.92 5.02
N GLN A 162 -5.08 -13.13 4.09
CA GLN A 162 -5.99 -12.05 4.46
C GLN A 162 -7.37 -12.64 4.72
N ASN A 163 -8.07 -12.05 5.69
CA ASN A 163 -9.44 -12.47 6.00
C ASN A 163 -10.43 -11.90 4.97
N GLN A 164 -11.61 -12.52 4.91
CA GLN A 164 -12.74 -12.04 4.15
C GLN A 164 -13.92 -11.75 5.10
N VAL A 165 -14.66 -10.68 4.83
CA VAL A 165 -15.79 -10.32 5.66
C VAL A 165 -17.04 -10.12 4.83
N PRO A 166 -18.20 -10.51 5.39
CA PRO A 166 -19.46 -10.47 4.64
C PRO A 166 -19.91 -9.08 4.34
N LYS A 167 -20.46 -8.89 3.16
CA LYS A 167 -21.06 -7.62 2.82
C LYS A 167 -22.41 -7.59 3.48
N ILE A 168 -22.71 -6.51 4.18
CA ILE A 168 -24.01 -6.38 4.88
C ILE A 168 -24.96 -5.48 4.13
N LEU A 169 -26.24 -5.80 4.20
CA LEU A 169 -27.28 -5.03 3.49
C LEU A 169 -27.48 -3.65 4.08
N GLN A 170 -27.42 -2.62 3.24
CA GLN A 170 -27.62 -1.24 3.72
C GLN A 170 -28.96 -1.17 4.46
N ASP A 171 -29.95 -1.88 3.93
CA ASP A 171 -31.32 -1.95 4.46
C ASP A 171 -31.63 -2.60 5.83
N THR A 172 -31.08 -3.78 6.13
CA THR A 172 -31.27 -4.38 7.44
C THR A 172 -30.00 -4.73 8.19
N LEU A 173 -28.85 -4.44 7.60
CA LEU A 173 -27.53 -4.85 8.13
C LEU A 173 -27.31 -6.38 8.29
N GLU A 174 -28.08 -7.17 7.55
CA GLU A 174 -27.93 -8.61 7.56
C GLU A 174 -26.88 -8.97 6.55
N PRO A 175 -26.33 -10.18 6.65
CA PRO A 175 -25.40 -10.65 5.61
C PRO A 175 -26.10 -10.80 4.26
N ALA A 176 -25.54 -10.18 3.22
CA ALA A 176 -26.13 -10.22 1.89
C ALA A 176 -26.05 -11.60 1.27
N ALA A 177 -27.10 -11.95 0.54
CA ALA A 177 -27.21 -13.25 -0.12
C ALA A 177 -27.39 -13.08 -1.63
N TRP A 178 -26.37 -13.49 -2.39
CA TRP A 178 -26.41 -13.47 -3.85
C TRP A 178 -26.27 -14.90 -4.38
N ALA A 179 -27.39 -15.49 -4.77
CA ALA A 179 -27.42 -16.89 -5.19
C ALA A 179 -26.65 -17.11 -6.49
N GLU A 180 -26.60 -16.07 -7.32
CA GLU A 180 -25.94 -16.15 -8.62
C GLU A 180 -24.48 -16.40 -8.41
N ASN A 181 -23.89 -15.66 -7.47
CA ASN A 181 -22.45 -15.80 -7.15
C ASN A 181 -22.21 -15.75 -5.64
N PRO A 182 -22.23 -16.93 -4.99
CA PRO A 182 -21.98 -17.05 -3.56
C PRO A 182 -20.70 -16.32 -3.09
N ALA A 183 -19.66 -16.31 -3.91
CA ALA A 183 -18.39 -15.65 -3.56
C ALA A 183 -18.51 -14.12 -3.45
N TYR A 184 -19.49 -13.53 -4.13
CA TYR A 184 -19.70 -12.07 -4.08
C TYR A 184 -20.33 -11.62 -2.74
N GLU A 185 -20.65 -12.56 -1.86
CA GLU A 185 -21.20 -12.22 -0.54
C GLU A 185 -20.08 -11.78 0.42
N TRP A 186 -18.84 -11.90 -0.02
CA TRP A 186 -17.70 -11.57 0.82
C TRP A 186 -16.88 -10.47 0.16
N ALA A 187 -16.08 -9.81 1.00
CA ALA A 187 -15.15 -8.78 0.57
C ALA A 187 -13.94 -8.78 1.51
N PRO A 188 -12.76 -8.38 1.00
CA PRO A 188 -11.60 -8.06 1.82
C PRO A 188 -11.84 -6.81 2.65
N PRO A 189 -11.33 -6.80 3.91
CA PRO A 189 -11.63 -5.69 4.83
C PRO A 189 -10.51 -4.65 4.88
N GLY A 190 -9.95 -4.31 3.73
CA GLY A 190 -8.93 -3.31 3.70
C GLY A 190 -7.66 -3.91 4.18
N HIS A 191 -6.56 -3.18 4.04
CA HIS A 191 -5.24 -3.74 4.38
C HIS A 191 -4.95 -3.60 5.87
N GLY A 192 -5.85 -2.90 6.58
CA GLY A 192 -5.78 -2.79 8.02
C GLY A 192 -6.09 -4.09 8.74
N ASP A 193 -6.58 -5.07 7.98
CA ASP A 193 -6.87 -6.41 8.49
C ASP A 193 -5.61 -7.13 8.96
N ILE A 194 -4.44 -6.68 8.48
CA ILE A 194 -3.17 -7.29 8.85
C ILE A 194 -3.05 -7.55 10.35
N TYR A 195 -3.53 -6.61 11.17
CA TYR A 195 -3.41 -6.74 12.61
C TYR A 195 -4.27 -7.88 13.07
N THR A 196 -5.52 -7.88 12.64
CA THR A 196 -6.43 -8.97 12.92
C THR A 196 -5.88 -10.30 12.41
N ALA A 197 -5.15 -10.26 11.30
CA ALA A 197 -4.60 -11.47 10.69
C ALA A 197 -3.41 -11.96 11.49
N LEU A 198 -2.59 -11.04 11.98
CA LEU A 198 -1.41 -11.42 12.73
C LEU A 198 -1.75 -12.02 14.09
N TYR A 199 -2.87 -11.59 14.67
CA TYR A 199 -3.29 -12.06 15.99
C TYR A 199 -3.93 -13.43 15.90
N GLY A 200 -5.03 -13.53 15.16
CA GLY A 200 -5.78 -14.77 14.99
C GLY A 200 -4.99 -15.96 14.42
N SER A 201 -4.00 -15.66 13.58
CA SER A 201 -3.14 -16.70 13.02
C SER A 201 -2.10 -17.13 14.05
N GLY A 202 -2.01 -16.34 15.13
CA GLY A 202 -1.07 -16.56 16.20
C GLY A 202 0.35 -16.18 15.84
N LYS A 203 0.55 -15.68 14.61
CA LYS A 203 1.89 -15.35 14.12
C LYS A 203 2.50 -14.10 14.77
N LEU A 204 1.67 -13.27 15.37
CA LEU A 204 2.19 -12.18 16.17
C LEU A 204 2.85 -12.81 17.39
N GLN A 205 2.09 -13.64 18.09
CA GLN A 205 2.55 -14.30 19.31
C GLN A 205 3.80 -15.14 19.03
N GLU A 206 3.80 -15.87 17.91
CA GLU A 206 4.97 -16.65 17.48
C GLU A 206 6.21 -15.78 17.35
N LEU A 207 6.16 -14.77 16.49
CA LEU A 207 7.33 -13.95 16.24
C LEU A 207 7.88 -13.36 17.51
N VAL A 208 7.00 -12.83 18.35
CA VAL A 208 7.46 -12.14 19.53
C VAL A 208 8.18 -13.14 20.41
N GLU A 209 7.60 -14.33 20.55
CA GLU A 209 8.22 -15.38 21.34
C GLU A 209 9.56 -15.76 20.76
N GLN A 210 9.72 -15.63 19.44
CA GLN A 210 10.98 -15.96 18.80
C GLN A 210 12.02 -14.83 18.89
N GLY A 211 11.67 -13.72 19.54
CA GLY A 211 12.61 -12.64 19.81
C GLY A 211 12.67 -11.62 18.68
N TYR A 212 11.56 -11.52 17.96
CA TYR A 212 11.42 -10.55 16.88
C TYR A 212 10.71 -9.28 17.39
N ARG A 213 11.39 -8.14 17.28
CA ARG A 213 10.89 -6.91 17.88
C ARG A 213 10.30 -5.95 16.83
N TYR A 214 11.06 -5.68 15.78
CA TYR A 214 10.66 -4.71 14.78
C TYR A 214 10.10 -5.41 13.54
N MET A 215 9.11 -4.80 12.91
CA MET A 215 8.60 -5.28 11.62
C MET A 215 8.36 -4.12 10.68
N PHE A 216 8.76 -4.29 9.44
CA PHE A 216 8.55 -3.26 8.44
C PHE A 216 7.50 -3.71 7.46
N VAL A 217 6.42 -2.94 7.35
CA VAL A 217 5.36 -3.25 6.40
C VAL A 217 5.22 -2.22 5.28
N SER A 218 5.00 -2.68 4.05
CA SER A 218 4.82 -1.78 2.89
C SER A 218 4.03 -2.47 1.77
N ASN A 219 3.73 -1.71 0.72
CA ASN A 219 2.97 -2.22 -0.40
C ASN A 219 3.90 -2.96 -1.34
N GLY A 220 3.44 -4.08 -1.87
CA GLY A 220 4.24 -4.85 -2.83
C GLY A 220 4.60 -4.11 -4.12
N ASP A 221 3.69 -3.24 -4.60
CA ASP A 221 3.89 -2.49 -5.86
C ASP A 221 4.81 -1.29 -5.70
N ASN A 222 5.26 -1.05 -4.48
CA ASN A 222 6.18 0.04 -4.22
C ASN A 222 7.60 -0.47 -4.13
N LEU A 223 8.42 -0.11 -5.12
CA LEU A 223 9.85 -0.46 -5.15
C LEU A 223 10.70 0.61 -4.50
N GLY A 224 10.07 1.66 -4.01
CA GLY A 224 10.79 2.63 -3.18
C GLY A 224 11.04 2.12 -1.78
N ALA A 225 10.17 1.25 -1.28
CA ALA A 225 10.24 0.78 0.11
C ALA A 225 11.23 -0.34 0.29
N THR A 226 12.37 0.01 0.86
CA THR A 226 13.40 -0.97 1.19
C THR A 226 13.92 -0.71 2.60
N ILE A 227 14.58 -1.69 3.18
CA ILE A 227 15.03 -1.50 4.55
C ILE A 227 16.10 -0.43 4.54
N ASP A 228 16.01 0.48 5.51
CA ASP A 228 17.04 1.50 5.70
C ASP A 228 17.40 1.52 7.19
N LYS A 229 18.64 1.09 7.48
CA LYS A 229 19.10 0.95 8.85
C LYS A 229 19.11 2.29 9.65
N ARG A 230 18.96 3.43 8.96
CA ARG A 230 18.92 4.73 9.65
C ARG A 230 17.58 4.94 10.32
N VAL A 231 16.54 4.34 9.77
CA VAL A 231 15.24 4.39 10.40
C VAL A 231 15.13 3.53 11.68
N LEU A 232 15.79 2.39 11.67
CA LEU A 232 15.78 1.50 12.81
C LEU A 232 16.54 2.11 13.97
N ALA A 233 17.67 2.71 13.66
CA ALA A 233 18.47 3.35 14.70
C ALA A 233 17.68 4.51 15.31
N TYR A 234 17.05 5.28 14.45
CA TYR A 234 16.23 6.38 14.92
C TYR A 234 15.18 5.94 15.92
N MET A 235 14.57 4.77 15.71
CA MET A 235 13.47 4.30 16.58
C MET A 235 13.99 3.88 17.94
N GLU A 236 15.11 3.17 17.94
CA GLU A 236 15.75 2.74 19.16
C GLU A 236 16.15 3.92 20.02
N LYS A 237 16.67 4.95 19.38
CA LYS A 237 17.13 6.15 20.08
C LYS A 237 15.97 6.96 20.70
N GLU A 238 14.92 7.18 19.92
CA GLU A 238 13.77 7.97 20.36
C GLU A 238 12.64 7.13 20.92
N LYS A 239 12.87 5.83 21.13
CA LYS A 239 11.91 4.92 21.76
C LYS A 239 10.54 5.02 21.12
N ILE A 240 10.50 4.80 19.81
CA ILE A 240 9.25 4.93 19.04
C ILE A 240 8.69 3.54 18.82
N ASP A 241 7.41 3.37 19.09
CA ASP A 241 6.76 2.08 18.85
C ASP A 241 6.12 1.98 17.45
N PHE A 242 5.72 3.11 16.91
CA PHE A 242 5.12 3.15 15.60
C PHE A 242 5.63 4.34 14.80
N LEU A 243 6.27 4.08 13.67
CA LEU A 243 6.77 5.14 12.83
C LEU A 243 6.17 5.02 11.46
N MET A 244 5.47 6.07 11.03
CA MET A 244 4.92 6.15 9.69
C MET A 244 5.77 7.07 8.76
N GLU A 245 6.25 6.48 7.67
CA GLU A 245 6.95 7.25 6.68
C GLU A 245 5.95 8.09 5.89
N VAL A 246 6.21 9.38 5.78
CA VAL A 246 5.41 10.26 4.98
C VAL A 246 6.27 11.05 3.97
N CYS A 247 5.67 11.43 2.85
CA CYS A 247 6.27 12.29 1.88
C CYS A 247 5.47 13.57 1.91
N ARG A 248 5.94 14.60 1.21
CA ARG A 248 5.28 15.90 1.23
C ARG A 248 4.08 15.89 0.32
N ARG A 249 3.03 16.57 0.72
CA ARG A 249 1.79 16.59 -0.04
C ARG A 249 1.92 17.69 -1.09
N THR A 250 1.69 17.34 -2.35
CA THR A 250 1.82 18.28 -3.44
C THR A 250 0.49 18.51 -4.12
N GLU A 251 0.54 19.36 -5.15
CA GLU A 251 -0.63 19.77 -5.93
C GLU A 251 -1.37 18.55 -6.48
N SER A 252 -0.60 17.51 -6.77
CA SER A 252 -1.12 16.27 -7.29
C SER A 252 -1.84 15.49 -6.20
N ASP A 253 -1.46 15.70 -4.94
CA ASP A 253 -1.91 14.85 -3.83
C ASP A 253 -3.15 15.34 -3.06
N LYS A 254 -3.78 16.40 -3.56
CA LYS A 254 -4.94 17.04 -2.92
C LYS A 254 -6.13 16.09 -2.71
N LYS A 255 -6.19 15.04 -3.51
CA LYS A 255 -7.17 13.97 -3.31
C LYS A 255 -6.77 13.03 -2.17
N GLY A 256 -5.47 12.73 -2.05
CA GLY A 256 -4.96 11.82 -1.03
C GLY A 256 -5.18 12.33 0.39
N GLY A 257 -5.22 11.41 1.34
CA GLY A 257 -5.41 11.75 2.74
C GLY A 257 -4.18 12.41 3.32
N HIS A 258 -4.25 12.87 4.56
CA HIS A 258 -3.14 13.56 5.20
C HIS A 258 -2.97 13.25 6.64
N LEU A 259 -1.77 13.49 7.12
CA LEU A 259 -1.39 13.28 8.48
C LEU A 259 -1.83 14.45 9.29
N ALA A 260 -2.35 14.20 10.46
CA ALA A 260 -2.92 15.26 11.25
C ALA A 260 -2.66 14.96 12.68
N ARG A 261 -2.96 15.89 13.56
CA ARG A 261 -2.85 15.59 14.96
C ARG A 261 -4.06 15.96 15.76
N GLN A 262 -4.17 15.30 16.88
CA GLN A 262 -5.34 15.30 17.73
C GLN A 262 -4.95 15.26 19.18
N THR A 263 -5.91 15.56 20.05
CA THR A 263 -5.63 15.64 21.48
C THR A 263 -6.61 14.80 22.29
N VAL A 264 -6.01 14.04 23.20
CA VAL A 264 -6.72 13.42 24.32
C VAL A 264 -5.86 13.85 25.53
N TYR A 265 -6.29 13.51 26.74
CA TYR A 265 -5.48 13.73 27.94
C TYR A 265 -5.32 12.45 28.79
N VAL A 266 -4.13 12.33 29.39
CA VAL A 266 -3.85 11.29 30.36
C VAL A 266 -4.72 11.62 31.58
N LYS A 267 -5.20 10.60 32.31
CA LYS A 267 -6.06 10.83 33.48
C LYS A 267 -5.42 11.77 34.52
N GLY A 268 -6.20 12.74 35.00
CA GLY A 268 -5.74 13.67 36.05
C GLY A 268 -5.15 14.93 35.44
N LYS A 269 -5.29 16.04 36.16
CA LYS A 269 -4.72 17.32 35.73
C LYS A 269 -3.44 17.70 36.50
N ASP A 270 -2.97 16.79 37.34
CA ASP A 270 -1.80 17.04 38.20
C ASP A 270 -0.47 17.18 37.42
N GLY A 271 0.45 17.96 37.99
CA GLY A 271 1.66 18.39 37.30
C GLY A 271 1.49 19.84 36.86
N GLN A 272 2.36 20.32 35.99
CA GLN A 272 2.25 21.67 35.42
C GLN A 272 0.98 21.81 34.57
N PRO A 273 0.01 22.64 35.01
CA PRO A 273 -1.29 22.76 34.32
C PRO A 273 -1.23 23.54 32.99
N ASP A 274 -0.33 23.13 32.08
CA ASP A 274 -0.22 23.72 30.73
C ASP A 274 -0.06 22.63 29.68
N ALA A 275 1.07 21.92 29.72
CA ALA A 275 1.48 21.02 28.62
C ALA A 275 0.36 20.05 28.20
N GLU A 276 0.11 19.99 26.88
CA GLU A 276 -0.94 19.12 26.32
C GLU A 276 -0.38 17.74 25.90
N LYS A 277 -1.22 16.97 25.20
CA LYS A 277 -0.83 15.70 24.59
C LYS A 277 -0.85 15.85 23.08
N ARG A 278 -0.35 14.83 22.41
CA ARG A 278 -0.42 14.75 20.98
C ARG A 278 -0.76 13.31 20.61
N VAL A 279 -1.61 13.18 19.61
CA VAL A 279 -1.81 11.91 18.97
C VAL A 279 -1.76 12.21 17.48
N LEU A 280 -1.21 11.27 16.72
CA LEU A 280 -1.19 11.37 15.28
C LEU A 280 -2.25 10.44 14.76
N LEU A 281 -3.12 10.96 13.89
CA LEU A 281 -4.15 10.13 13.22
C LEU A 281 -4.06 10.33 11.72
N LEU A 282 -4.97 9.67 11.01
CA LEU A 282 -4.98 9.67 9.55
C LEU A 282 -6.37 10.01 9.16
N ARG A 283 -6.48 10.94 8.22
CA ARG A 283 -7.77 11.31 7.67
C ARG A 283 -7.85 11.11 6.15
N GLU A 284 -8.75 10.20 5.76
CA GLU A 284 -9.10 9.96 4.36
C GLU A 284 -10.15 11.00 3.96
N SER A 285 -10.31 11.19 2.67
CA SER A 285 -11.27 12.17 2.15
C SER A 285 -12.69 11.83 2.55
N ALA A 286 -13.01 10.54 2.60
CA ALA A 286 -14.35 10.09 2.97
C ALA A 286 -14.72 10.50 4.38
N GLN A 287 -13.73 10.63 5.25
CA GLN A 287 -13.97 10.98 6.63
C GLN A 287 -14.21 12.50 6.77
N CYS A 288 -13.68 13.27 5.83
CA CYS A 288 -13.80 14.72 5.90
C CYS A 288 -15.19 15.15 5.45
N PRO A 289 -15.80 16.10 6.17
CA PRO A 289 -17.12 16.58 5.82
C PRO A 289 -17.07 17.47 4.60
N LYS A 290 -18.22 17.65 3.97
CA LYS A 290 -18.33 18.46 2.77
C LYS A 290 -17.86 19.89 2.98
N ALA A 291 -18.05 20.41 4.19
CA ALA A 291 -17.70 21.79 4.49
C ALA A 291 -16.19 22.04 4.63
N ASP A 292 -15.46 21.03 5.08
CA ASP A 292 -14.02 21.18 5.34
C ASP A 292 -13.11 20.77 4.17
N MET A 293 -13.73 20.44 3.04
CA MET A 293 -13.00 19.93 1.87
C MET A 293 -12.02 20.90 1.27
N GLU A 294 -12.13 22.18 1.65
CA GLU A 294 -11.21 23.20 1.15
C GLU A 294 -9.86 23.02 1.81
N SER A 295 -9.84 23.19 3.13
CA SER A 295 -8.63 23.02 3.93
C SER A 295 -8.00 21.66 3.69
N PHE A 296 -8.85 20.63 3.71
CA PHE A 296 -8.40 19.27 3.44
C PHE A 296 -7.46 19.25 2.24
N GLN A 297 -7.85 19.93 1.16
CA GLN A 297 -7.03 20.00 -0.05
C GLN A 297 -6.01 21.13 -0.02
N ASP A 298 -5.97 21.85 1.10
CA ASP A 298 -4.91 22.84 1.31
C ASP A 298 -3.69 22.14 1.89
N ILE A 299 -2.65 22.08 1.06
CA ILE A 299 -1.44 21.31 1.39
C ILE A 299 -0.44 22.16 2.13
N ASN A 300 -0.75 23.44 2.30
CA ASN A 300 0.05 24.30 3.15
C ASN A 300 -0.35 24.16 4.61
N LYS A 301 -1.60 23.74 4.84
CA LYS A 301 -2.05 23.43 6.20
C LYS A 301 -1.67 22.01 6.54
N TYR A 302 -2.23 21.05 5.81
CA TYR A 302 -1.90 19.64 6.01
C TYR A 302 -0.93 19.18 4.93
N SER A 303 0.35 19.08 5.30
CA SER A 303 1.44 18.97 4.32
C SER A 303 1.98 17.58 4.06
N PHE A 304 1.45 16.57 4.75
CA PHE A 304 2.02 15.22 4.66
C PHE A 304 0.96 14.16 4.42
N PHE A 305 1.35 13.14 3.65
CA PHE A 305 0.49 11.98 3.35
C PHE A 305 1.22 10.68 3.62
N ASN A 306 0.44 9.65 3.94
CA ASN A 306 0.99 8.35 4.30
C ASN A 306 1.51 7.58 3.10
N THR A 307 2.77 7.18 3.16
CA THR A 307 3.38 6.39 2.08
C THR A 307 3.10 4.90 2.31
N ASN A 308 2.49 4.61 3.43
CA ASN A 308 2.14 3.25 3.82
C ASN A 308 3.38 2.37 4.03
N ASN A 309 4.51 3.00 4.32
CA ASN A 309 5.72 2.27 4.73
C ASN A 309 5.87 2.37 6.23
N LEU A 310 5.49 1.33 6.95
CA LEU A 310 5.34 1.42 8.39
C LEU A 310 6.28 0.50 9.13
N TRP A 311 6.89 1.03 10.19
CA TRP A 311 7.78 0.23 11.07
C TRP A 311 7.09 0.12 12.41
N ILE A 312 6.90 -1.11 12.91
CA ILE A 312 6.16 -1.30 14.16
C ILE A 312 6.97 -2.12 15.14
N ARG A 313 6.89 -1.73 16.42
CA ARG A 313 7.48 -2.49 17.51
C ARG A 313 6.47 -3.53 17.95
N LEU A 314 6.77 -4.78 17.64
CA LEU A 314 5.82 -5.87 17.76
C LEU A 314 5.34 -6.20 19.19
N PRO A 315 6.27 -6.39 20.14
CA PRO A 315 5.78 -6.70 21.47
C PRO A 315 4.79 -5.65 22.00
N VAL A 316 5.02 -4.38 21.66
CA VAL A 316 4.11 -3.30 22.07
C VAL A 316 2.79 -3.48 21.35
N LEU A 317 2.88 -3.81 20.06
CA LEU A 317 1.69 -4.04 19.26
C LEU A 317 0.83 -5.16 19.85
N LEU A 318 1.46 -6.28 20.15
CA LEU A 318 0.75 -7.38 20.77
C LEU A 318 0.09 -6.96 22.09
N GLU A 319 0.85 -6.23 22.89
CA GLU A 319 0.35 -5.81 24.19
C GLU A 319 -0.90 -5.00 23.98
N THR A 320 -0.88 -4.14 22.99
CA THR A 320 -1.96 -3.20 22.80
C THR A 320 -3.26 -3.92 22.45
N MET A 321 -3.15 -4.96 21.63
CA MET A 321 -4.34 -5.70 21.19
C MET A 321 -4.96 -6.46 22.35
N GLN A 322 -4.10 -6.93 23.25
CA GLN A 322 -4.56 -7.67 24.41
C GLN A 322 -5.29 -6.78 25.41
N GLU A 323 -4.90 -5.52 25.48
CA GLU A 323 -5.66 -4.57 26.29
C GLU A 323 -7.08 -4.40 25.78
N HIS A 324 -7.25 -4.46 24.46
CA HIS A 324 -8.54 -4.23 23.84
C HIS A 324 -9.28 -5.53 23.52
N GLY A 325 -8.84 -6.64 24.13
CA GLY A 325 -9.57 -7.90 24.11
C GLY A 325 -9.21 -8.76 22.91
N GLY A 326 -8.02 -8.54 22.35
CA GLY A 326 -7.53 -9.33 21.24
C GLY A 326 -7.64 -8.67 19.88
N THR A 327 -8.35 -7.54 19.79
CA THR A 327 -8.44 -6.77 18.54
C THR A 327 -7.83 -5.38 18.64
N LEU A 328 -7.76 -4.68 17.52
CA LEU A 328 -7.25 -3.32 17.51
C LEU A 328 -8.32 -2.44 16.94
N PRO A 329 -8.91 -1.59 17.76
CA PRO A 329 -9.95 -0.71 17.25
C PRO A 329 -9.37 0.23 16.21
N LEU A 330 -10.07 0.40 15.11
CA LEU A 330 -9.66 1.33 14.08
C LEU A 330 -10.89 1.96 13.45
N PRO A 331 -10.77 3.22 12.99
CA PRO A 331 -11.86 3.90 12.30
C PRO A 331 -12.29 3.13 11.08
N VAL A 332 -13.60 2.97 10.91
CA VAL A 332 -14.10 2.07 9.86
C VAL A 332 -14.75 2.85 8.69
N ILE A 333 -14.10 2.79 7.53
CA ILE A 333 -14.68 3.35 6.31
C ILE A 333 -15.88 2.49 5.87
N ARG A 334 -16.97 3.18 5.50
CA ARG A 334 -18.19 2.50 5.13
C ARG A 334 -18.39 2.53 3.63
N ASN A 335 -18.03 1.44 2.97
CA ASN A 335 -18.07 1.36 1.49
C ASN A 335 -19.47 1.09 0.97
N GLU A 336 -20.03 2.07 0.28
CA GLU A 336 -21.37 1.93 -0.29
C GLU A 336 -21.27 1.33 -1.69
N LYS A 337 -21.76 0.10 -1.86
CA LYS A 337 -21.72 -0.65 -3.11
C LYS A 337 -22.97 -1.52 -3.28
N THR A 338 -23.02 -2.26 -4.37
CA THR A 338 -24.03 -3.29 -4.48
C THR A 338 -23.32 -4.59 -4.26
N VAL A 339 -24.06 -5.68 -4.15
CA VAL A 339 -23.44 -6.95 -3.84
C VAL A 339 -22.63 -7.39 -5.06
N ASP A 340 -23.17 -7.16 -6.25
CA ASP A 340 -22.44 -7.40 -7.50
C ASP A 340 -22.18 -6.06 -8.16
N SER A 341 -20.92 -5.61 -8.11
CA SER A 341 -20.55 -4.27 -8.56
C SER A 341 -21.03 -3.99 -9.99
N SER A 342 -20.98 -5.00 -10.86
CA SER A 342 -21.44 -4.89 -12.27
C SER A 342 -22.95 -4.69 -12.42
N ASN A 343 -23.72 -5.35 -11.57
CA ASN A 343 -25.17 -5.19 -11.48
C ASN A 343 -25.54 -3.90 -10.75
N SER A 344 -26.19 -2.99 -11.44
CA SER A 344 -26.67 -1.77 -10.78
C SER A 344 -27.92 -2.09 -9.97
N ALA A 345 -28.63 -3.16 -10.34
CA ALA A 345 -29.88 -3.50 -9.69
C ALA A 345 -29.71 -4.57 -8.62
N SER A 346 -28.49 -4.98 -8.34
CA SER A 346 -28.23 -5.88 -7.23
C SER A 346 -28.39 -5.18 -5.87
N PRO A 347 -28.63 -5.96 -4.79
CA PRO A 347 -28.87 -5.38 -3.45
C PRO A 347 -27.76 -4.47 -2.97
N LYS A 348 -28.14 -3.27 -2.54
CA LYS A 348 -27.20 -2.30 -2.02
C LYS A 348 -26.64 -2.84 -0.69
N VAL A 349 -25.32 -2.73 -0.52
CA VAL A 349 -24.65 -3.28 0.64
C VAL A 349 -23.63 -2.33 1.23
N TYR A 350 -23.19 -2.65 2.45
CA TYR A 350 -22.10 -1.94 3.10
C TYR A 350 -20.91 -2.86 3.17
N GLN A 351 -19.72 -2.30 2.94
CA GLN A 351 -18.47 -3.03 3.05
C GLN A 351 -17.57 -2.30 4.02
N LEU A 352 -17.25 -2.95 5.13
CA LEU A 352 -16.53 -2.31 6.21
C LEU A 352 -15.05 -2.56 6.08
N GLU A 353 -14.30 -1.47 5.97
CA GLU A 353 -12.87 -1.54 5.63
C GLU A 353 -12.06 -0.60 6.55
N THR A 354 -10.87 -1.05 6.92
CA THR A 354 -9.97 -0.26 7.75
C THR A 354 -8.66 -0.10 7.04
N ALA A 355 -7.98 0.99 7.38
CA ALA A 355 -6.67 1.27 6.82
C ALA A 355 -5.60 0.97 7.86
N MET A 356 -4.48 0.43 7.40
CA MET A 356 -3.42 0.02 8.30
C MET A 356 -2.66 1.22 8.92
N GLY A 357 -2.70 2.35 8.23
CA GLY A 357 -2.03 3.55 8.73
C GLY A 357 -2.73 4.19 9.89
N ALA A 358 -4.02 3.89 10.05
CA ALA A 358 -4.85 4.48 11.09
C ALA A 358 -4.42 4.08 12.52
N ALA A 359 -3.68 2.99 12.63
CA ALA A 359 -3.24 2.47 13.93
C ALA A 359 -2.25 3.42 14.63
N ILE A 360 -1.70 4.35 13.89
CA ILE A 360 -0.73 5.26 14.45
C ILE A 360 -1.31 5.93 15.69
N ALA A 361 -2.59 6.28 15.64
CA ALA A 361 -3.24 6.95 16.78
C ALA A 361 -3.46 6.05 17.98
N MET A 362 -3.20 4.75 17.78
CA MET A 362 -3.42 3.72 18.80
C MET A 362 -2.16 3.36 19.61
N PHE A 363 -1.06 4.09 19.38
CA PHE A 363 0.17 3.84 20.13
C PHE A 363 0.67 5.03 20.95
N GLU A 364 1.20 4.73 22.13
CA GLU A 364 1.68 5.74 23.05
C GLU A 364 2.95 6.38 22.46
N SER A 365 3.90 5.58 22.02
CA SER A 365 5.12 6.12 21.39
C SER A 365 5.02 5.97 19.89
N ALA A 366 4.62 7.03 19.21
CA ALA A 366 4.43 7.01 17.76
C ALA A 366 4.96 8.30 17.12
N SER A 367 5.37 8.23 15.87
CA SER A 367 5.86 9.41 15.17
C SER A 367 5.77 9.27 13.66
N ALA A 368 6.18 10.30 12.94
CA ALA A 368 6.11 10.30 11.48
C ALA A 368 7.33 10.99 10.91
N ILE A 369 7.99 10.34 9.99
CA ILE A 369 9.23 10.88 9.45
C ILE A 369 9.05 11.18 7.96
N VAL A 370 9.61 12.31 7.54
CA VAL A 370 9.55 12.70 6.14
C VAL A 370 10.66 12.03 5.37
N VAL A 371 10.27 11.30 4.35
CA VAL A 371 11.18 10.60 3.48
C VAL A 371 11.11 11.24 2.10
N PRO A 372 12.19 11.09 1.31
CA PRO A 372 12.11 11.56 -0.07
C PRO A 372 11.05 10.81 -0.84
N ARG A 373 10.55 11.37 -1.93
CA ARG A 373 9.51 10.70 -2.68
C ARG A 373 10.07 9.54 -3.53
N SER A 374 11.40 9.38 -3.53
CA SER A 374 12.03 8.19 -4.10
C SER A 374 11.60 6.92 -3.34
N ARG A 375 11.16 7.11 -2.09
CA ARG A 375 10.71 6.01 -1.23
C ARG A 375 9.23 5.75 -1.40
N PHE A 376 8.58 6.56 -2.22
CA PHE A 376 7.19 6.32 -2.58
C PHE A 376 7.05 6.23 -4.09
N ALA A 377 7.10 5.00 -4.60
CA ALA A 377 7.18 4.73 -6.03
C ALA A 377 6.29 3.59 -6.44
N PRO A 378 4.99 3.76 -6.31
CA PRO A 378 4.11 2.68 -6.71
C PRO A 378 3.92 2.71 -8.23
N VAL A 379 3.66 1.55 -8.83
CA VAL A 379 3.29 1.49 -10.23
C VAL A 379 1.82 1.23 -10.28
N LYS A 380 1.07 2.31 -10.45
CA LYS A 380 -0.36 2.23 -10.60
C LYS A 380 -0.74 2.04 -12.07
N THR A 381 0.04 2.57 -13.00
CA THR A 381 -0.36 2.56 -14.42
C THR A 381 0.76 2.04 -15.28
N CYS A 382 0.44 1.73 -16.54
CA CYS A 382 1.43 1.17 -17.46
C CYS A 382 2.45 2.25 -17.88
N ALA A 383 2.03 3.51 -17.74
CA ALA A 383 2.90 4.60 -18.02
C ALA A 383 4.05 4.55 -17.03
N ASP A 384 3.71 4.37 -15.76
CA ASP A 384 4.72 4.23 -14.70
C ASP A 384 5.56 2.99 -14.90
N LEU A 385 4.93 1.95 -15.41
CA LEU A 385 5.64 0.73 -15.70
C LEU A 385 6.70 0.93 -16.76
N LEU A 386 6.43 1.80 -17.73
CA LEU A 386 7.37 2.01 -18.86
C LEU A 386 8.63 2.68 -18.37
N ALA A 387 8.47 3.66 -17.50
CA ALA A 387 9.63 4.39 -17.01
C ALA A 387 10.69 3.44 -16.48
N LEU A 388 10.27 2.43 -15.75
CA LEU A 388 11.20 1.52 -15.10
C LEU A 388 11.89 0.61 -16.13
N ARG A 389 11.13 0.14 -17.11
CA ARG A 389 11.68 -0.72 -18.15
C ARG A 389 12.80 0.04 -18.79
N SER A 390 12.56 1.32 -19.00
CA SER A 390 13.53 2.18 -19.66
C SER A 390 14.82 2.33 -18.87
N ASP A 391 15.83 2.82 -19.57
CA ASP A 391 17.16 3.00 -19.01
C ASP A 391 17.24 4.24 -18.13
N ALA A 392 16.12 4.95 -17.99
CA ALA A 392 16.03 6.06 -17.06
C ALA A 392 16.40 5.61 -15.64
N TYR A 393 15.90 4.43 -15.23
CA TYR A 393 16.26 3.85 -13.94
C TYR A 393 17.37 2.79 -14.10
N VAL A 394 17.89 2.29 -12.99
CA VAL A 394 18.99 1.34 -13.03
C VAL A 394 19.00 0.49 -11.76
N VAL A 395 19.47 -0.75 -11.89
CA VAL A 395 19.47 -1.70 -10.79
C VAL A 395 20.81 -1.69 -10.11
N THR A 396 20.80 -1.53 -8.79
CA THR A 396 22.04 -1.46 -7.98
C THR A 396 22.54 -2.83 -7.57
N ASP A 397 23.63 -2.84 -6.82
CA ASP A 397 24.29 -4.08 -6.46
C ASP A 397 23.63 -4.69 -5.23
N ASP A 398 22.89 -3.89 -4.49
CA ASP A 398 22.05 -4.40 -3.41
C ASP A 398 20.61 -4.61 -3.90
N PHE A 399 20.43 -4.49 -5.21
CA PHE A 399 19.16 -4.71 -5.90
C PHE A 399 18.10 -3.64 -5.65
N ARG A 400 18.53 -2.42 -5.33
CA ARG A 400 17.63 -1.29 -5.29
C ARG A 400 17.36 -0.84 -6.73
N LEU A 401 16.26 -0.13 -6.93
CA LEU A 401 15.96 0.56 -8.19
C LEU A 401 16.05 2.06 -7.98
N VAL A 402 17.09 2.67 -8.54
CA VAL A 402 17.30 4.12 -8.40
C VAL A 402 17.41 4.81 -9.74
N LEU A 403 17.18 6.12 -9.71
CA LEU A 403 17.19 6.94 -10.91
C LEU A 403 18.62 7.16 -11.39
N ASP A 404 18.87 6.91 -12.68
CA ASP A 404 20.20 7.07 -13.23
C ASP A 404 20.66 8.50 -13.01
N ASP A 405 21.95 8.64 -12.72
CA ASP A 405 22.51 9.94 -12.32
C ASP A 405 22.35 11.03 -13.37
N ARG A 406 22.30 10.64 -14.65
CA ARG A 406 22.13 11.61 -15.75
C ARG A 406 20.71 12.19 -15.81
N CYS A 407 19.76 11.61 -15.08
CA CYS A 407 18.45 12.21 -14.89
C CYS A 407 18.53 13.37 -13.94
N HIS A 408 19.57 13.37 -13.11
CA HIS A 408 19.82 14.44 -12.13
C HIS A 408 18.66 14.65 -11.16
N GLY A 409 18.07 13.54 -10.71
CA GLY A 409 17.05 13.56 -9.66
C GLY A 409 15.61 13.58 -10.14
N HIS A 410 15.37 13.87 -11.41
CA HIS A 410 14.01 13.94 -11.94
C HIS A 410 13.66 12.84 -12.96
N PRO A 411 12.63 12.01 -12.64
CA PRO A 411 12.15 10.89 -13.48
C PRO A 411 11.25 11.33 -14.64
N PRO A 412 11.37 10.67 -15.81
CA PRO A 412 10.66 11.10 -17.01
C PRO A 412 9.18 10.91 -16.86
N VAL A 413 8.43 11.98 -17.03
CA VAL A 413 6.99 11.93 -16.97
C VAL A 413 6.54 11.26 -18.26
N VAL A 414 5.60 10.33 -18.13
CA VAL A 414 5.10 9.58 -19.27
C VAL A 414 3.57 9.70 -19.31
N ASP A 415 3.07 10.29 -20.40
CA ASP A 415 1.64 10.32 -20.71
C ASP A 415 1.30 9.33 -21.82
N LEU A 416 0.50 8.32 -21.50
CA LEU A 416 0.06 7.36 -22.49
C LEU A 416 -1.43 7.49 -22.71
N ASP A 417 -1.87 7.26 -23.93
CA ASP A 417 -3.29 7.29 -24.27
C ASP A 417 -4.00 6.13 -23.57
N SER A 418 -4.87 6.46 -22.63
CA SER A 418 -5.50 5.42 -21.80
C SER A 418 -6.55 4.60 -22.58
N ALA A 419 -6.98 5.09 -23.75
CA ALA A 419 -7.85 4.32 -24.64
C ALA A 419 -7.13 3.07 -25.08
N HIS A 420 -5.90 3.24 -25.56
CA HIS A 420 -5.11 2.10 -26.05
C HIS A 420 -4.20 1.48 -24.98
N TYR A 421 -3.61 2.31 -24.13
CA TYR A 421 -2.51 1.84 -23.30
C TYR A 421 -2.79 1.65 -21.79
N LYS A 422 -3.98 1.99 -21.32
CA LYS A 422 -4.28 1.72 -19.92
C LYS A 422 -4.20 0.20 -19.70
N MET A 423 -4.65 -0.56 -20.69
CA MET A 423 -4.61 -2.01 -20.64
C MET A 423 -3.22 -2.52 -20.97
N MET A 424 -2.70 -3.40 -20.11
CA MET A 424 -1.36 -3.99 -20.30
C MET A 424 -1.28 -4.67 -21.66
N ASN A 425 -2.38 -5.27 -22.07
CA ASN A 425 -2.51 -5.87 -23.39
C ASN A 425 -1.97 -4.95 -24.52
N GLY A 426 -2.65 -3.82 -24.74
CA GLY A 426 -2.21 -2.83 -25.72
C GLY A 426 -0.82 -2.27 -25.43
N PHE A 427 -0.53 -2.05 -24.15
CA PHE A 427 0.74 -1.47 -23.76
C PHE A 427 1.90 -2.31 -24.23
N GLU A 428 1.79 -3.63 -24.11
CA GLU A 428 2.88 -4.50 -24.55
C GLU A 428 3.13 -4.36 -26.03
N LYS A 429 2.07 -4.07 -26.79
CA LYS A 429 2.17 -3.90 -28.24
C LYS A 429 2.93 -2.62 -28.59
N LEU A 430 2.80 -1.60 -27.74
CA LEU A 430 3.57 -0.37 -27.90
C LEU A 430 5.08 -0.61 -27.77
N VAL A 431 5.46 -1.43 -26.80
CA VAL A 431 6.86 -1.78 -26.55
C VAL A 431 7.26 -3.08 -27.23
N GLN A 432 6.34 -3.66 -28.01
CA GLN A 432 6.56 -4.95 -28.69
C GLN A 432 7.93 -5.13 -29.36
N HIS A 433 8.24 -4.24 -30.30
CA HIS A 433 9.46 -4.35 -31.11
C HIS A 433 10.67 -3.90 -30.33
N GLY A 434 10.47 -3.09 -29.30
CA GLY A 434 11.57 -2.69 -28.41
C GLY A 434 11.27 -1.55 -27.45
N VAL A 435 12.32 -1.04 -26.82
CA VAL A 435 12.20 0.01 -25.80
C VAL A 435 13.12 1.21 -26.06
N PRO A 436 12.56 2.42 -25.90
CA PRO A 436 13.29 3.63 -26.15
C PRO A 436 14.06 4.07 -24.93
N SER A 437 14.86 5.12 -25.10
CA SER A 437 15.67 5.66 -24.02
C SER A 437 15.06 6.95 -23.49
N LEU A 438 14.42 6.87 -22.32
CA LEU A 438 13.71 8.01 -21.73
C LEU A 438 14.58 8.83 -20.76
N VAL A 439 15.84 8.45 -20.62
CA VAL A 439 16.76 9.06 -19.66
C VAL A 439 16.91 10.58 -19.86
N GLU A 440 16.99 11.00 -21.12
CA GLU A 440 17.11 12.42 -21.43
C GLU A 440 15.75 13.12 -21.68
N CYS A 441 14.65 12.39 -21.51
CA CYS A 441 13.33 12.89 -21.83
C CYS A 441 12.58 13.41 -20.64
N LYS A 442 12.40 14.73 -20.61
CA LYS A 442 11.60 15.35 -19.57
C LYS A 442 10.16 14.82 -19.59
N ARG A 443 9.50 14.97 -20.73
CA ARG A 443 8.10 14.58 -20.85
C ARG A 443 7.93 13.84 -22.15
N VAL A 444 7.24 12.69 -22.11
CA VAL A 444 6.86 11.97 -23.32
C VAL A 444 5.35 11.75 -23.36
N THR A 445 4.77 11.92 -24.53
CA THR A 445 3.32 11.85 -24.64
C THR A 445 2.95 11.05 -25.87
N VAL A 446 2.00 10.14 -25.70
CA VAL A 446 1.54 9.28 -26.79
C VAL A 446 0.04 9.39 -26.88
N LYS A 447 -0.45 9.87 -28.02
CA LYS A 447 -1.87 9.99 -28.28
C LYS A 447 -2.29 9.02 -29.39
N GLY A 448 -3.46 8.41 -29.25
CA GLY A 448 -3.92 7.49 -30.26
C GLY A 448 -3.13 6.20 -30.27
N LEU A 449 -3.15 5.52 -31.41
CA LEU A 449 -2.50 4.22 -31.56
C LEU A 449 -1.08 4.41 -32.13
N VAL A 450 -0.10 3.83 -31.43
CA VAL A 450 1.31 3.97 -31.78
C VAL A 450 2.09 2.72 -31.43
N GLN A 451 3.13 2.43 -32.19
CA GLN A 451 4.07 1.36 -31.86
C GLN A 451 5.50 1.83 -32.06
N PHE A 452 6.33 1.54 -31.07
CA PHE A 452 7.72 1.99 -31.04
C PHE A 452 8.66 1.16 -31.91
N GLY A 453 9.64 1.84 -32.50
CA GLY A 453 10.79 1.17 -33.09
C GLY A 453 11.60 0.54 -32.00
N ALA A 454 12.48 -0.37 -32.36
CA ALA A 454 13.23 -1.12 -31.37
C ALA A 454 14.13 -0.21 -30.51
N GLY A 455 15.16 0.38 -31.13
CA GLY A 455 16.27 0.97 -30.39
C GLY A 455 16.30 2.49 -30.31
N ASN A 456 15.14 3.13 -30.34
CA ASN A 456 15.11 4.60 -30.44
C ASN A 456 15.52 5.31 -29.16
N VAL A 457 15.78 6.61 -29.28
CA VAL A 457 16.04 7.48 -28.11
C VAL A 457 15.30 8.81 -28.22
N LEU A 458 14.99 9.43 -27.09
CA LEU A 458 14.21 10.68 -27.08
C LEU A 458 14.68 11.64 -25.99
N THR A 459 14.65 12.92 -26.31
CA THR A 459 15.16 13.95 -25.42
C THR A 459 14.17 15.09 -25.27
N GLY A 460 14.09 15.64 -24.05
CA GLY A 460 13.21 16.78 -23.77
C GLY A 460 11.76 16.44 -23.95
N THR A 461 10.98 17.37 -24.49
CA THR A 461 9.56 17.15 -24.76
C THR A 461 9.41 16.30 -25.99
N VAL A 462 8.72 15.17 -25.88
CA VAL A 462 8.48 14.30 -27.02
C VAL A 462 7.01 13.91 -27.07
N THR A 463 6.35 14.33 -28.13
CA THR A 463 4.94 14.05 -28.27
C THR A 463 4.77 13.17 -29.49
N ILE A 464 3.97 12.12 -29.37
CA ILE A 464 3.64 11.25 -30.50
C ILE A 464 2.13 11.16 -30.64
N GLU A 465 1.63 11.67 -31.76
CA GLU A 465 0.20 11.76 -32.02
C GLU A 465 -0.19 10.96 -33.26
N ASN A 466 -1.25 10.16 -33.13
CA ASN A 466 -1.89 9.52 -34.26
C ASN A 466 -3.39 9.83 -34.20
N THR A 467 -3.82 10.71 -35.10
CA THR A 467 -5.24 11.08 -35.24
C THR A 467 -5.97 10.14 -36.22
N ASP A 468 -5.30 9.79 -37.32
CA ASP A 468 -5.85 8.86 -38.32
C ASP A 468 -6.43 7.63 -37.61
N SER A 469 -5.59 6.87 -36.92
CA SER A 469 -5.97 5.60 -36.29
C SER A 469 -6.46 4.54 -37.29
N ALA A 470 -5.93 4.62 -38.52
CA ALA A 470 -6.01 3.52 -39.49
C ALA A 470 -4.71 2.75 -39.38
N SER A 471 -4.77 1.53 -38.84
CA SER A 471 -3.60 0.82 -38.34
C SER A 471 -2.89 1.69 -37.28
N ALA A 472 -1.56 1.68 -37.28
CA ALA A 472 -0.78 2.36 -36.24
C ALA A 472 0.46 3.04 -36.78
N PHE A 473 0.81 4.18 -36.19
CA PHE A 473 2.03 4.89 -36.57
C PHE A 473 3.27 4.17 -36.02
N VAL A 474 4.07 3.64 -36.93
CA VAL A 474 5.18 2.81 -36.52
C VAL A 474 6.47 3.61 -36.64
N ILE A 475 7.15 3.78 -35.51
CA ILE A 475 8.39 4.55 -35.47
C ILE A 475 9.54 3.75 -36.07
N PRO A 476 10.33 4.39 -36.96
CA PRO A 476 11.51 3.74 -37.52
C PRO A 476 12.53 3.34 -36.45
N ASP A 477 13.38 2.37 -36.78
CA ASP A 477 14.41 1.88 -35.87
C ASP A 477 15.62 2.83 -35.84
N GLY A 478 15.98 3.29 -34.64
CA GLY A 478 17.07 4.23 -34.48
C GLY A 478 16.62 5.67 -34.61
N ALA A 479 15.32 5.88 -34.76
CA ALA A 479 14.78 7.24 -34.86
C ALA A 479 15.04 8.02 -33.57
N LYS A 480 15.29 9.33 -33.68
CA LYS A 480 15.55 10.17 -32.51
C LYS A 480 14.70 11.44 -32.50
N LEU A 481 13.98 11.70 -31.41
CA LEU A 481 13.06 12.84 -31.33
C LEU A 481 13.47 13.79 -30.21
N ASN A 482 13.69 15.05 -30.54
CA ASN A 482 14.08 16.06 -29.55
C ASN A 482 13.15 17.27 -29.64
N ASP A 483 12.53 17.63 -28.52
CA ASP A 483 11.63 18.80 -28.44
C ASP A 483 10.72 18.96 -29.64
N THR A 484 9.90 17.94 -29.86
CA THR A 484 9.04 17.94 -31.02
C THR A 484 7.79 17.07 -30.81
N THR A 485 6.81 17.25 -31.69
CA THR A 485 5.68 16.36 -31.81
C THR A 485 5.85 15.59 -33.12
N ALA A 486 5.56 14.29 -33.13
CA ALA A 486 5.67 13.47 -34.35
C ALA A 486 4.40 12.66 -34.70
N SER A 487 3.68 13.10 -35.72
CA SER A 487 2.53 12.38 -36.26
C SER A 487 2.93 11.70 -37.56
N PRO A 488 2.03 10.91 -38.16
CA PRO A 488 2.33 10.40 -39.49
C PRO A 488 1.88 11.36 -40.60
N1 UPC B . -3.27 -4.56 -0.73
C2 UPC B . -3.52 -5.70 0.13
O2 UPC B . -2.69 -6.62 0.34
N3 UPC B . -4.70 -5.86 0.78
C4 UPC B . -5.69 -4.94 0.64
O4 UPC B . -6.79 -5.07 1.23
C5 UPC B . -5.49 -3.84 -0.15
C6 UPC B . -4.29 -3.67 -0.82
PA UPC B . -5.24 -0.39 -2.80
PB UPC B . -6.79 -2.17 -4.54
PG UPC B . -6.79 -3.85 -6.94
C1' UPC B . -2.00 -4.26 -1.49
O1A UPC B . -5.99 -1.02 -1.64
O1B UPC B . -8.25 -1.78 -4.68
O1G UPC B . -6.66 -5.12 -6.13
C2' UPC B . -2.04 -4.28 -3.04
O2A UPC B . -5.04 1.09 -2.82
O2B UPC B . -6.36 -3.24 -3.56
O2G UPC B . -5.85 -3.76 -8.12
C3' UPC B . -1.88 -2.85 -3.53
O3' UPC B . -0.80 -2.73 -4.47
C3A UPC B . -5.95 -0.80 -4.22
O3B UPC B . -6.25 -2.62 -6.02
O3G UPC B . -8.22 -3.51 -7.30
C4' UPC B . -1.64 -2.00 -2.28
O4' UPC B . -1.60 -2.90 -1.16
C5' UPC B . -2.68 -0.88 -2.06
O5' UPC B . -3.79 -1.09 -2.94
#